data_2OST
#
_entry.id   2OST
#
_cell.length_a   143.777
_cell.length_b   143.777
_cell.length_c   319.179
_cell.angle_alpha   90.00
_cell.angle_beta   90.00
_cell.angle_gamma   90.00
#
_symmetry.space_group_name_H-M   'I 4 2 2'
#
loop_
_entity.id
_entity.type
_entity.pdbx_description
1 polymer 'Synthetic DNA 29 MER'
2 polymer 'Synthetic DNA 29 MER'
3 polymer 'Putative endonuclease'
4 non-polymer 'CALCIUM ION'
5 water water
#
loop_
_entity_poly.entity_id
_entity_poly.type
_entity_poly.pdbx_seq_one_letter_code
_entity_poly.pdbx_strand_id
1 'polydeoxyribonucleotide'
;(DG)(DA)(DG)(DG)(DC)(DC)(DT)(DT)(DC)(DG)(DG)(DG)(DC)(DT)(DC)(DA)(DT)(DA)(DA)(DC)
(DC)(DC)(DG)(DA)(DA)(DG)(DG)(DG)(DA)
;
Y
2 'polydeoxyribonucleotide'
;(DT)(DC)(DT)(DC)(DC)(DC)(DT)(DT)(DC)(DG)(DG)(DG)(DT)(DT)(DA)(DT)(DG)(DA)(DG)(DC)
(DC)(DC)(DG)(DA)(DA)(DG)(DG)(DC)(DC)
;
Z
3 'polypeptide(L)'
;MGSTKLKGDIAQQAAIMRALKMGWGVLKPLGDRLSYDLVFDVEGILLKVQVKSSWKSEKTGNYVVDNRRTRTNRRNIVRS
PYRGNDFDFAVAYVEELELFYVFPVDVFISYGSEIHLVETDKRQRKPRSFGYREAWHLILQKGAAQKETSA
;
A,B,C,D
#
# COMPACT_ATOMS: atom_id res chain seq x y z
N MET C 1 -24.82 5.65 4.16
CA MET C 1 -23.66 6.36 3.53
C MET C 1 -22.33 5.71 3.95
N GLY C 2 -21.44 5.51 2.98
CA GLY C 2 -20.11 4.91 3.23
C GLY C 2 -19.37 5.57 4.38
N SER C 3 -18.99 4.75 5.36
CA SER C 3 -18.48 5.29 6.63
C SER C 3 -17.26 4.56 7.21
N THR C 4 -17.06 4.77 8.51
CA THR C 4 -15.94 4.24 9.31
C THR C 4 -14.54 4.26 8.67
N LYS C 5 -14.12 3.17 8.05
CA LYS C 5 -12.75 3.04 7.52
C LYS C 5 -12.34 4.15 6.57
N LEU C 6 -13.31 4.69 5.83
CA LEU C 6 -13.07 5.81 4.94
C LEU C 6 -12.56 7.01 5.74
N LYS C 7 -13.29 7.36 6.80
CA LYS C 7 -12.91 8.46 7.68
C LYS C 7 -11.51 8.24 8.26
N GLY C 8 -11.24 7.02 8.70
CA GLY C 8 -9.93 6.65 9.23
C GLY C 8 -8.82 6.78 8.19
N ASP C 9 -9.14 6.43 6.95
CA ASP C 9 -8.17 6.52 5.86
C ASP C 9 -7.92 7.96 5.40
N ILE C 10 -8.88 8.84 5.66
CA ILE C 10 -8.71 10.28 5.35
C ILE C 10 -7.78 10.91 6.38
N ALA C 11 -8.04 10.65 7.66
CA ALA C 11 -7.19 11.13 8.75
C ALA C 11 -5.76 10.63 8.60
N GLN C 12 -5.62 9.37 8.20
CA GLN C 12 -4.32 8.78 7.91
C GLN C 12 -3.65 9.55 6.78
N GLN C 13 -4.42 9.90 5.76
CA GLN C 13 -3.91 10.60 4.60
C GLN C 13 -3.50 12.04 4.94
N ALA C 14 -4.20 12.64 5.89
CA ALA C 14 -3.86 13.97 6.38
C ALA C 14 -2.50 13.94 7.08
N ALA C 15 -2.30 12.94 7.93
CA ALA C 15 -1.03 12.73 8.61
C ALA C 15 0.10 12.47 7.63
N ILE C 16 -0.22 11.82 6.50
CA ILE C 16 0.77 11.56 5.45
C ILE C 16 1.32 12.89 4.95
N MET C 17 0.42 13.83 4.70
CA MET C 17 0.79 15.12 4.11
C MET C 17 1.51 16.03 5.09
N ARG C 18 1.06 16.04 6.33
CA ARG C 18 1.75 16.77 7.40
C ARG C 18 3.21 16.36 7.48
N ALA C 19 3.44 15.06 7.66
CA ALA C 19 4.78 14.50 7.77
C ALA C 19 5.67 14.88 6.59
N LEU C 20 5.11 14.78 5.38
CA LEU C 20 5.83 15.13 4.16
C LEU C 20 6.20 16.60 4.11
N LYS C 21 5.27 17.45 4.55
CA LYS C 21 5.49 18.90 4.53
C LYS C 21 6.44 19.39 5.61
N MET C 22 6.79 18.49 6.53
CA MET C 22 7.81 18.74 7.53
C MET C 22 9.12 18.06 7.12
N GLY C 23 9.16 17.56 5.89
CA GLY C 23 10.37 16.98 5.32
C GLY C 23 10.74 15.61 5.87
N TRP C 24 9.79 14.94 6.52
CA TRP C 24 10.01 13.60 7.01
C TRP C 24 9.71 12.53 5.95
N GLY C 25 10.29 11.35 6.15
CA GLY C 25 9.95 10.18 5.35
C GLY C 25 8.66 9.55 5.85
N VAL C 26 7.92 8.93 4.94
CA VAL C 26 6.65 8.29 5.29
C VAL C 26 6.65 6.85 4.80
N LEU C 27 6.37 5.93 5.72
CA LEU C 27 6.34 4.50 5.40
C LEU C 27 4.93 3.93 5.64
N LYS C 28 4.35 3.33 4.61
CA LYS C 28 3.05 2.66 4.72
C LYS C 28 3.22 1.15 4.81
N PRO C 29 2.47 0.50 5.73
CA PRO C 29 2.57 -0.94 5.95
C PRO C 29 1.70 -1.84 5.07
N LEU C 30 2.06 -3.11 5.01
CA LEU C 30 1.26 -4.23 4.48
C LEU C 30 -0.25 -4.06 4.39
N GLY C 31 -0.95 -4.39 5.48
CA GLY C 31 -2.38 -4.25 5.56
C GLY C 31 -2.74 -4.00 7.01
N ASP C 32 -4.02 -4.07 7.33
CA ASP C 32 -4.48 -3.69 8.67
C ASP C 32 -4.29 -4.79 9.72
N ARG C 33 -3.03 -5.12 10.02
CA ARG C 33 -2.76 -6.12 11.04
C ARG C 33 -1.74 -5.64 12.09
N LEU C 34 -1.09 -4.52 11.84
CA LEU C 34 -0.11 -3.97 12.79
C LEU C 34 -0.72 -2.93 13.73
N SER C 35 -0.06 -2.72 14.86
CA SER C 35 -0.58 -1.83 15.89
C SER C 35 -0.33 -0.35 15.59
N TYR C 36 0.14 -0.05 14.38
CA TYR C 36 0.40 1.33 13.97
C TYR C 36 0.03 1.54 12.51
N ASP C 37 -0.36 2.76 12.17
CA ASP C 37 -0.85 3.07 10.83
C ASP C 37 0.24 3.58 9.88
N LEU C 38 1.14 4.40 10.40
CA LEU C 38 2.22 5.00 9.62
C LEU C 38 3.54 4.96 10.40
N VAL C 39 4.66 5.05 9.67
CA VAL C 39 5.98 5.21 10.31
C VAL C 39 6.72 6.37 9.68
N PHE C 40 7.08 7.35 10.51
CA PHE C 40 7.79 8.52 10.04
C PHE C 40 9.28 8.31 10.17
N ASP C 41 10.02 8.55 9.09
CA ASP C 41 11.47 8.64 9.17
C ASP C 41 11.83 10.06 9.51
N VAL C 42 12.26 10.26 10.76
CA VAL C 42 12.64 11.58 11.26
C VAL C 42 14.14 11.62 11.44
N GLU C 43 14.81 12.43 10.61
CA GLU C 43 16.28 12.54 10.63
C GLU C 43 16.97 11.17 10.73
N GLY C 44 16.51 10.21 9.94
CA GLY C 44 17.10 8.87 9.88
C GLY C 44 16.51 7.85 10.83
N ILE C 45 15.88 8.31 11.90
CA ILE C 45 15.28 7.43 12.91
C ILE C 45 13.81 7.18 12.55
N LEU C 46 13.37 5.91 12.68
CA LEU C 46 12.00 5.54 12.35
C LEU C 46 11.13 5.51 13.59
N LEU C 47 10.01 6.25 13.55
CA LEU C 47 9.06 6.25 14.65
C LEU C 47 7.66 5.89 14.20
N LYS C 48 6.95 5.14 15.03
CA LYS C 48 5.64 4.58 14.68
C LYS C 48 4.52 5.48 15.16
N VAL C 49 3.58 5.78 14.27
CA VAL C 49 2.43 6.58 14.66
C VAL C 49 1.09 5.85 14.48
N GLN C 50 0.21 6.07 15.43
CA GLN C 50 -1.13 5.49 15.42
C GLN C 50 -2.12 6.62 15.17
N VAL C 51 -2.79 6.57 14.02
CA VAL C 51 -3.70 7.64 13.62
C VAL C 51 -5.12 7.35 14.05
N LYS C 52 -5.78 8.36 14.61
CA LYS C 52 -7.20 8.25 14.98
C LYS C 52 -7.98 9.52 14.64
N SER C 53 -9.11 9.34 13.96
CA SER C 53 -9.95 10.46 13.57
C SER C 53 -11.06 10.66 14.58
N SER C 54 -11.17 11.89 15.09
CA SER C 54 -12.10 12.22 16.16
C SER C 54 -13.52 12.48 15.65
N TRP C 55 -14.46 12.57 16.59
CA TRP C 55 -15.84 12.90 16.27
C TRP C 55 -16.40 13.99 17.16
N LYS C 56 -17.26 14.83 16.59
CA LYS C 56 -17.90 15.92 17.31
C LYS C 56 -18.93 15.35 18.30
N SER C 57 -18.58 15.40 19.57
CA SER C 57 -19.45 14.93 20.63
C SER C 57 -20.52 15.97 20.91
N GLU C 58 -21.70 15.75 20.31
CA GLU C 58 -22.78 16.74 20.27
C GLU C 58 -23.24 17.28 21.63
N LYS C 59 -23.30 16.40 22.63
CA LYS C 59 -23.71 16.79 23.98
C LYS C 59 -22.70 17.74 24.63
N THR C 60 -21.40 17.40 24.54
CA THR C 60 -20.34 18.15 25.23
C THR C 60 -19.66 19.24 24.39
N GLY C 61 -19.86 19.21 23.07
CA GLY C 61 -19.28 20.21 22.17
C GLY C 61 -17.79 20.06 21.99
N ASN C 62 -17.28 18.85 22.24
CA ASN C 62 -15.87 18.55 22.10
C ASN C 62 -15.61 17.54 20.99
N TYR C 63 -14.35 17.41 20.60
CA TYR C 63 -13.92 16.36 19.70
C TYR C 63 -13.21 15.30 20.51
N VAL C 64 -13.57 14.04 20.30
CA VAL C 64 -13.11 12.97 21.18
C VAL C 64 -12.59 11.73 20.43
N VAL C 65 -11.68 11.01 21.07
CA VAL C 65 -11.20 9.71 20.57
C VAL C 65 -11.09 8.68 21.70
N ASP C 66 -11.24 7.41 21.34
CA ASP C 66 -11.12 6.31 22.29
C ASP C 66 -9.71 5.73 22.18
N ASN C 67 -9.08 5.46 23.32
CA ASN C 67 -7.67 5.05 23.34
C ASN C 67 -7.49 3.54 23.48
N ARG C 68 -8.57 2.80 23.30
CA ARG C 68 -8.58 1.37 23.51
C ARG C 68 -9.09 0.68 22.26
N ARG C 69 -8.29 -0.22 21.69
CA ARG C 69 -8.74 -0.98 20.53
C ARG C 69 -9.87 -1.92 20.97
N THR C 70 -11.09 -1.45 20.75
CA THR C 70 -12.29 -2.21 21.08
C THR C 70 -12.62 -3.14 19.91
N ARG C 71 -12.56 -4.44 20.18
CA ARG C 71 -12.65 -5.44 19.12
C ARG C 71 -13.95 -6.25 19.19
N THR C 72 -14.77 -6.09 18.16
CA THR C 72 -16.07 -6.77 18.09
C THR C 72 -16.15 -7.66 16.84
N ASN C 73 -17.38 -8.05 16.48
CA ASN C 73 -17.62 -9.17 15.56
C ASN C 73 -17.15 -10.47 16.24
N ARG C 74 -17.70 -10.72 17.43
CA ARG C 74 -17.22 -11.78 18.32
C ARG C 74 -18.31 -12.29 19.29
N ARG C 75 -19.42 -11.56 19.35
CA ARG C 75 -20.54 -11.88 20.26
C ARG C 75 -20.14 -11.76 21.73
N ASN C 76 -18.89 -11.34 21.95
CA ASN C 76 -18.36 -11.00 23.27
C ASN C 76 -17.37 -9.84 23.16
N ILE C 77 -17.74 -8.71 23.76
CA ILE C 77 -16.91 -7.49 23.72
C ILE C 77 -15.67 -7.59 24.61
N VAL C 78 -14.50 -7.57 23.97
CA VAL C 78 -13.25 -7.48 24.71
C VAL C 78 -12.52 -6.16 24.40
N ARG C 79 -12.10 -5.49 25.47
CA ARG C 79 -11.48 -4.19 25.35
C ARG C 79 -10.00 -4.29 25.69
N SER C 80 -9.18 -4.36 24.65
CA SER C 80 -7.72 -4.39 24.84
C SER C 80 -7.12 -3.01 24.61
N PRO C 81 -6.48 -2.44 25.64
CA PRO C 81 -5.78 -1.17 25.47
C PRO C 81 -4.51 -1.34 24.63
N TYR C 82 -3.69 -0.30 24.53
CA TYR C 82 -2.42 -0.38 23.83
C TYR C 82 -1.27 -0.58 24.80
N ARG C 83 -0.22 -1.24 24.33
CA ARG C 83 1.02 -1.41 25.09
C ARG C 83 1.90 -0.19 24.84
N GLY C 84 2.90 0.01 25.69
CA GLY C 84 3.85 1.09 25.53
C GLY C 84 4.72 0.91 24.29
N ASN C 85 4.81 -0.32 23.82
CA ASN C 85 5.67 -0.65 22.68
C ASN C 85 4.92 -0.97 21.39
N ASP C 86 3.62 -0.68 21.38
CA ASP C 86 2.80 -0.88 20.18
C ASP C 86 3.07 0.20 19.13
N PHE C 87 3.36 1.41 19.61
CA PHE C 87 3.79 2.52 18.75
C PHE C 87 4.56 3.56 19.56
N ASP C 88 4.89 4.69 18.92
CA ASP C 88 5.63 5.77 19.56
C ASP C 88 4.74 6.99 19.81
N PHE C 89 3.88 7.33 18.84
CA PHE C 89 3.01 8.50 18.93
C PHE C 89 1.63 8.25 18.37
N ALA C 90 0.60 8.68 19.09
CA ALA C 90 -0.76 8.61 18.60
C ALA C 90 -1.21 9.99 18.16
N VAL C 91 -1.65 10.09 16.91
CA VAL C 91 -2.05 11.38 16.36
C VAL C 91 -3.55 11.47 16.14
N ALA C 92 -4.22 12.21 17.03
CA ALA C 92 -5.64 12.48 16.91
C ALA C 92 -5.88 13.59 15.90
N TYR C 93 -6.93 13.45 15.10
CA TYR C 93 -7.20 14.35 14.00
C TYR C 93 -8.59 14.97 14.10
N VAL C 94 -8.65 16.28 13.87
CA VAL C 94 -9.92 16.96 13.68
C VAL C 94 -9.99 17.47 12.24
N GLU C 95 -10.65 16.69 11.38
CA GLU C 95 -11.03 17.17 10.05
C GLU C 95 -12.03 18.28 10.26
N GLU C 96 -12.22 19.14 9.27
CA GLU C 96 -13.11 20.31 9.41
C GLU C 96 -12.36 21.50 10.03
N LEU C 97 -11.45 21.20 10.96
CA LEU C 97 -10.52 22.20 11.47
C LEU C 97 -9.08 21.89 11.04
N GLU C 98 -8.91 20.85 10.23
CA GLU C 98 -7.59 20.39 9.77
C GLU C 98 -6.55 20.35 10.91
N LEU C 99 -7.02 19.95 12.09
CA LEU C 99 -6.26 20.05 13.33
C LEU C 99 -5.65 18.72 13.73
N PHE C 100 -4.39 18.74 14.16
CA PHE C 100 -3.76 17.55 14.69
C PHE C 100 -3.32 17.74 16.13
N TYR C 101 -3.58 16.75 16.96
CA TYR C 101 -2.98 16.62 18.28
C TYR C 101 -1.98 15.48 18.20
N VAL C 102 -0.79 15.66 18.75
CA VAL C 102 0.16 14.55 18.80
C VAL C 102 0.42 14.16 20.24
N PHE C 103 0.11 12.91 20.57
CA PHE C 103 0.33 12.36 21.90
C PHE C 103 1.42 11.30 21.83
N PRO C 104 2.36 11.33 22.79
CA PRO C 104 3.25 10.20 23.00
C PRO C 104 2.49 9.00 23.57
N VAL C 105 2.99 7.79 23.31
CA VAL C 105 2.37 6.55 23.79
C VAL C 105 1.96 6.61 25.25
N ASP C 106 2.94 6.90 26.12
CA ASP C 106 2.77 6.78 27.55
C ASP C 106 1.64 7.64 28.08
N VAL C 107 1.49 8.84 27.52
CA VAL C 107 0.41 9.75 27.88
C VAL C 107 -0.91 9.37 27.19
N PHE C 108 -0.81 8.71 26.03
CA PHE C 108 -2.00 8.22 25.32
C PHE C 108 -2.65 7.03 26.03
N ILE C 109 -1.84 6.07 26.43
CA ILE C 109 -2.34 4.86 27.11
C ILE C 109 -2.81 5.13 28.55
N SER C 110 -2.33 6.23 29.12
CA SER C 110 -2.59 6.58 30.53
C SER C 110 -4.04 7.00 30.79
N TYR C 111 -4.77 7.30 29.72
CA TYR C 111 -6.18 7.62 29.81
C TYR C 111 -7.00 6.36 30.01
N GLY C 112 -8.06 6.48 30.80
CA GLY C 112 -9.10 5.46 30.83
C GLY C 112 -10.07 5.81 29.73
N SER C 113 -10.12 4.98 28.69
CA SER C 113 -11.05 5.15 27.56
C SER C 113 -10.92 6.48 26.79
N GLU C 114 -11.97 7.30 26.85
CA GLU C 114 -12.07 8.52 26.06
C GLU C 114 -11.08 9.60 26.44
N ILE C 115 -10.55 10.29 25.44
CA ILE C 115 -9.73 11.49 25.62
C ILE C 115 -10.41 12.64 24.86
N HIS C 116 -10.61 13.77 25.54
CA HIS C 116 -11.34 14.90 24.95
C HIS C 116 -10.45 16.05 24.50
N LEU C 117 -10.85 16.68 23.41
CA LEU C 117 -10.21 17.88 22.89
C LEU C 117 -11.21 19.02 22.91
N VAL C 118 -10.97 20.01 23.77
CA VAL C 118 -11.92 21.09 24.02
C VAL C 118 -12.12 22.02 22.81
N GLU C 119 -11.02 22.64 22.36
CA GLU C 119 -11.01 23.47 21.13
C GLU C 119 -12.12 24.53 21.03
N THR C 120 -12.74 24.87 22.16
CA THR C 120 -13.75 25.92 22.20
C THR C 120 -13.35 27.06 23.13
N ASP C 121 -13.99 28.22 22.96
CA ASP C 121 -13.69 29.40 23.76
C ASP C 121 -14.34 29.32 25.14
N LYS C 122 -13.79 30.10 26.08
CA LYS C 122 -14.36 30.28 27.42
C LYS C 122 -14.75 29.01 28.17
N ARG C 123 -13.78 28.40 28.83
CA ARG C 123 -14.04 27.23 29.68
C ARG C 123 -13.29 27.37 31.00
N GLN C 124 -13.84 26.77 32.06
CA GLN C 124 -13.24 26.83 33.39
C GLN C 124 -11.80 26.32 33.41
N ARG C 125 -11.60 25.08 32.94
CA ARG C 125 -10.27 24.48 32.91
C ARG C 125 -9.92 24.08 31.49
N LYS C 126 -8.65 23.76 31.28
CA LYS C 126 -8.19 23.15 30.05
C LYS C 126 -7.95 21.65 30.28
N PRO C 127 -8.28 20.81 29.27
CA PRO C 127 -8.13 19.36 29.43
C PRO C 127 -6.67 18.96 29.44
N ARG C 128 -6.36 17.83 30.07
CA ARG C 128 -4.99 17.34 30.17
C ARG C 128 -4.37 17.14 28.79
N SER C 129 -5.20 17.25 27.75
CA SER C 129 -4.76 17.12 26.36
C SER C 129 -4.28 18.44 25.77
N PHE C 130 -4.62 19.54 26.43
CA PHE C 130 -4.39 20.90 25.93
C PHE C 130 -2.99 21.16 25.38
N GLY C 131 -1.97 20.83 26.18
CA GLY C 131 -0.59 21.10 25.81
C GLY C 131 -0.02 20.19 24.73
N TYR C 132 -0.91 19.55 23.97
CA TYR C 132 -0.51 18.59 22.94
C TYR C 132 -1.01 18.98 21.55
N ARG C 133 -1.75 20.07 21.47
CA ARG C 133 -2.14 20.65 20.19
C ARG C 133 -0.92 20.82 19.29
N GLU C 134 -0.97 20.17 18.13
CA GLU C 134 0.06 20.30 17.09
C GLU C 134 1.49 20.15 17.62
N ALA C 135 1.64 19.28 18.62
CA ALA C 135 2.90 19.13 19.35
C ALA C 135 3.94 18.27 18.61
N TRP C 136 4.12 18.54 17.32
CA TRP C 136 5.04 17.77 16.48
C TRP C 136 6.48 17.75 16.97
N HIS C 137 6.83 18.74 17.79
CA HIS C 137 8.18 18.86 18.34
C HIS C 137 8.53 17.69 19.27
N LEU C 138 7.51 17.14 19.92
CA LEU C 138 7.68 16.00 20.82
C LEU C 138 8.19 14.77 20.08
N ILE C 139 7.89 14.68 18.79
CA ILE C 139 8.38 13.57 17.99
C ILE C 139 9.74 13.88 17.35
N LEU C 140 10.10 15.16 17.35
CA LEU C 140 11.45 15.57 17.00
C LEU C 140 12.41 15.24 18.14
N GLN C 141 11.95 15.51 19.37
CA GLN C 141 12.74 15.27 20.58
C GLN C 141 13.13 13.81 20.68
N LYS C 142 12.13 12.93 20.83
CA LYS C 142 12.36 11.50 20.71
C LYS C 142 12.71 11.24 19.25
N GLY C 143 13.96 10.88 19.00
CA GLY C 143 14.46 10.79 17.64
C GLY C 143 15.83 11.43 17.64
N ALA C 144 15.89 12.65 18.18
CA ALA C 144 17.15 13.25 18.55
C ALA C 144 17.66 12.49 19.77
N ALA C 145 16.72 12.09 20.62
CA ALA C 145 17.01 11.26 21.78
C ALA C 145 17.44 9.86 21.38
N GLN C 146 16.84 9.34 20.32
CA GLN C 146 17.15 7.99 19.84
C GLN C 146 18.58 7.89 19.32
N LYS C 147 18.94 8.74 18.35
CA LYS C 147 20.31 8.86 17.89
C LYS C 147 21.15 9.27 19.10
N GLU C 148 22.23 8.53 19.35
CA GLU C 148 23.01 8.64 20.60
C GLU C 148 22.15 8.23 21.79
N GLY D 2 0.55 -17.28 11.21
CA GLY D 2 0.16 -16.29 12.26
C GLY D 2 -1.29 -15.82 12.12
N SER D 3 -1.71 -14.98 13.07
CA SER D 3 -3.11 -14.54 13.18
C SER D 3 -3.76 -14.10 11.87
N THR D 4 -4.66 -14.96 11.39
CA THR D 4 -5.62 -14.72 10.29
C THR D 4 -5.23 -13.78 9.13
N LYS D 5 -5.18 -12.48 9.38
CA LYS D 5 -4.87 -11.49 8.35
C LYS D 5 -3.49 -11.66 7.72
N LEU D 6 -2.53 -12.15 8.51
CA LEU D 6 -1.21 -12.46 8.00
C LEU D 6 -1.27 -13.53 6.92
N LYS D 7 -2.07 -14.57 7.18
CA LYS D 7 -2.24 -15.66 6.23
C LYS D 7 -2.81 -15.15 4.92
N GLY D 8 -3.84 -14.31 5.03
CA GLY D 8 -4.45 -13.71 3.86
C GLY D 8 -3.46 -12.92 3.02
N ASP D 9 -2.65 -12.11 3.71
CA ASP D 9 -1.65 -11.26 3.08
C ASP D 9 -0.60 -12.05 2.31
N ILE D 10 -0.27 -13.25 2.82
CA ILE D 10 0.63 -14.16 2.13
C ILE D 10 0.02 -14.62 0.80
N ALA D 11 -1.21 -15.12 0.86
CA ALA D 11 -1.94 -15.53 -0.34
C ALA D 11 -2.03 -14.38 -1.33
N GLN D 12 -2.38 -13.20 -0.84
CA GLN D 12 -2.47 -11.99 -1.65
C GLN D 12 -1.15 -11.69 -2.33
N GLN D 13 -0.07 -11.85 -1.59
CA GLN D 13 1.28 -11.60 -2.10
C GLN D 13 1.62 -12.62 -3.17
N ALA D 14 1.23 -13.87 -2.94
CA ALA D 14 1.46 -14.95 -3.89
C ALA D 14 0.77 -14.66 -5.22
N ALA D 15 -0.47 -14.22 -5.14
CA ALA D 15 -1.23 -13.80 -6.30
C ALA D 15 -0.45 -12.75 -7.08
N ILE D 16 0.05 -11.74 -6.37
CA ILE D 16 0.77 -10.63 -6.99
C ILE D 16 1.94 -11.15 -7.84
N MET D 17 2.72 -12.06 -7.28
CA MET D 17 3.88 -12.60 -7.98
C MET D 17 3.49 -13.29 -9.27
N ARG D 18 2.38 -14.03 -9.23
CA ARG D 18 1.88 -14.73 -10.41
C ARG D 18 1.57 -13.77 -11.55
N ALA D 19 0.90 -12.67 -11.22
CA ALA D 19 0.53 -11.65 -12.21
C ALA D 19 1.76 -10.98 -12.81
N LEU D 20 2.77 -10.75 -11.99
CA LEU D 20 4.01 -10.13 -12.44
C LEU D 20 4.77 -11.03 -13.41
N LYS D 21 4.78 -12.33 -13.11
CA LYS D 21 5.45 -13.32 -13.96
C LYS D 21 4.77 -13.47 -15.32
N MET D 22 3.48 -13.17 -15.36
CA MET D 22 2.71 -13.18 -16.60
C MET D 22 2.63 -11.78 -17.22
N GLY D 23 3.49 -10.88 -16.77
CA GLY D 23 3.63 -9.55 -17.37
C GLY D 23 2.45 -8.62 -17.21
N TRP D 24 1.51 -8.98 -16.33
CA TRP D 24 0.37 -8.10 -16.06
C TRP D 24 0.75 -7.01 -15.05
N GLY D 25 0.08 -5.87 -15.13
CA GLY D 25 0.24 -4.81 -14.14
C GLY D 25 -0.50 -5.17 -12.87
N VAL D 26 0.00 -4.70 -11.73
CA VAL D 26 -0.64 -4.97 -10.44
C VAL D 26 -0.97 -3.67 -9.71
N LEU D 27 -2.22 -3.55 -9.31
CA LEU D 27 -2.66 -2.39 -8.55
C LEU D 27 -3.08 -2.85 -7.16
N LYS D 28 -2.51 -2.23 -6.13
CA LYS D 28 -2.93 -2.46 -4.76
C LYS D 28 -3.90 -1.34 -4.36
N PRO D 29 -5.08 -1.71 -3.84
CA PRO D 29 -6.00 -0.71 -3.30
C PRO D 29 -5.47 -0.17 -1.97
N LEU D 30 -6.03 0.93 -1.50
CA LEU D 30 -5.55 1.56 -0.27
C LEU D 30 -6.53 1.36 0.90
N GLY D 31 -6.24 0.35 1.72
CA GLY D 31 -7.04 0.08 2.91
C GLY D 31 -8.08 -1.00 2.69
N ASP D 32 -8.24 -1.89 3.67
CA ASP D 32 -9.21 -2.97 3.60
C ASP D 32 -10.64 -2.42 3.71
N ARG D 33 -11.12 -1.83 2.62
CA ARG D 33 -12.42 -1.16 2.61
C ARG D 33 -13.21 -1.55 1.35
N LEU D 34 -12.49 -1.84 0.27
CA LEU D 34 -13.11 -2.24 -0.99
C LEU D 34 -13.31 -3.76 -1.08
N SER D 35 -14.27 -4.15 -1.91
CA SER D 35 -14.69 -5.56 -2.03
C SER D 35 -13.77 -6.41 -2.93
N TYR D 36 -12.56 -5.92 -3.17
CA TYR D 36 -11.54 -6.68 -3.90
C TYR D 36 -10.15 -6.40 -3.35
N ASP D 37 -9.27 -7.38 -3.51
CA ASP D 37 -7.94 -7.31 -2.91
C ASP D 37 -6.90 -6.78 -3.88
N LEU D 38 -7.13 -7.02 -5.17
CA LEU D 38 -6.19 -6.64 -6.20
C LEU D 38 -6.95 -6.30 -7.47
N VAL D 39 -6.27 -5.64 -8.41
CA VAL D 39 -6.73 -5.57 -9.80
C VAL D 39 -5.55 -5.67 -10.74
N PHE D 40 -5.73 -6.40 -11.83
CA PHE D 40 -4.66 -6.64 -12.79
C PHE D 40 -4.87 -5.88 -14.09
N ASP D 41 -3.85 -5.10 -14.47
CA ASP D 41 -3.83 -4.45 -15.76
C ASP D 41 -3.40 -5.49 -16.77
N VAL D 42 -4.39 -6.15 -17.36
CA VAL D 42 -4.15 -7.11 -18.44
C VAL D 42 -4.19 -6.41 -19.80
N GLU D 43 -3.02 -6.35 -20.42
CA GLU D 43 -2.82 -5.76 -21.76
C GLU D 43 -3.76 -4.58 -22.05
N GLY D 44 -3.94 -3.71 -21.06
CA GLY D 44 -4.75 -2.51 -21.22
C GLY D 44 -5.94 -2.41 -20.29
N ILE D 45 -6.73 -3.48 -20.19
CA ILE D 45 -7.94 -3.43 -19.36
C ILE D 45 -7.67 -3.92 -17.93
N LEU D 46 -8.50 -3.47 -17.00
CA LEU D 46 -8.33 -3.77 -15.59
C LEU D 46 -9.38 -4.76 -15.11
N LEU D 47 -8.95 -5.79 -14.38
CA LEU D 47 -9.88 -6.77 -13.84
C LEU D 47 -9.69 -7.01 -12.35
N LYS D 48 -10.70 -6.66 -11.57
CA LYS D 48 -10.68 -6.80 -10.11
C LYS D 48 -10.57 -8.25 -9.69
N VAL D 49 -9.79 -8.51 -8.64
CA VAL D 49 -9.54 -9.87 -8.17
C VAL D 49 -9.69 -9.97 -6.66
N GLN D 50 -10.47 -10.95 -6.22
CA GLN D 50 -10.63 -11.24 -4.80
C GLN D 50 -9.76 -12.45 -4.44
N VAL D 51 -8.97 -12.30 -3.38
CA VAL D 51 -8.03 -13.36 -2.99
C VAL D 51 -8.48 -14.00 -1.69
N LYS D 52 -8.51 -15.33 -1.66
CA LYS D 52 -8.86 -16.09 -0.46
C LYS D 52 -7.86 -17.22 -0.21
N SER D 53 -7.46 -17.37 1.05
CA SER D 53 -6.56 -18.45 1.43
C SER D 53 -7.39 -19.61 1.97
N SER D 54 -7.05 -20.81 1.51
CA SER D 54 -7.77 -22.02 1.87
C SER D 54 -7.15 -22.73 3.07
N TRP D 55 -7.94 -23.57 3.72
CA TRP D 55 -7.46 -24.38 4.83
C TRP D 55 -7.76 -25.86 4.59
N LYS D 56 -6.79 -26.70 4.91
CA LYS D 56 -6.97 -28.16 4.82
C LYS D 56 -7.92 -28.63 5.91
N SER D 57 -8.97 -29.36 5.50
CA SER D 57 -9.93 -29.91 6.44
C SER D 57 -9.39 -31.18 7.08
N GLU D 58 -9.50 -31.26 8.40
CA GLU D 58 -8.96 -32.38 9.18
C GLU D 58 -9.47 -33.75 8.72
N LYS D 59 -10.79 -33.90 8.66
CA LYS D 59 -11.41 -35.19 8.35
C LYS D 59 -11.35 -35.55 6.87
N THR D 60 -11.80 -34.64 6.00
CA THR D 60 -11.97 -34.91 4.58
C THR D 60 -10.64 -35.04 3.81
N GLY D 61 -9.60 -34.37 4.31
CA GLY D 61 -8.27 -34.45 3.70
C GLY D 61 -8.13 -33.61 2.45
N ASN D 62 -8.85 -32.50 2.38
CA ASN D 62 -8.75 -31.56 1.27
C ASN D 62 -8.98 -30.11 1.69
N TYR D 63 -8.59 -29.18 0.81
CA TYR D 63 -8.58 -27.75 1.11
C TYR D 63 -9.89 -27.07 0.71
N VAL D 64 -10.34 -26.11 1.52
CA VAL D 64 -11.64 -25.48 1.30
C VAL D 64 -11.66 -23.97 1.62
N VAL D 65 -12.34 -23.21 0.76
CA VAL D 65 -12.59 -21.77 0.97
C VAL D 65 -14.10 -21.51 1.14
N ASP D 66 -14.44 -20.30 1.58
CA ASP D 66 -15.84 -19.91 1.75
C ASP D 66 -16.11 -18.62 0.97
N ASN D 67 -17.35 -18.46 0.49
CA ASN D 67 -17.72 -17.29 -0.30
C ASN D 67 -18.70 -16.34 0.39
N ARG D 68 -18.74 -16.39 1.71
CA ARG D 68 -19.62 -15.52 2.51
C ARG D 68 -18.82 -14.60 3.43
N ARG D 69 -19.33 -13.39 3.64
CA ARG D 69 -18.75 -12.45 4.59
C ARG D 69 -19.65 -12.40 5.82
N THR D 70 -19.04 -12.27 6.99
CA THR D 70 -19.74 -12.47 8.26
C THR D 70 -19.69 -11.27 9.21
N ARG D 71 -20.75 -11.13 10.01
CA ARG D 71 -20.76 -10.21 11.15
C ARG D 71 -21.54 -10.80 12.33
N THR D 72 -20.86 -10.91 13.48
CA THR D 72 -21.44 -11.53 14.66
C THR D 72 -21.43 -10.56 15.86
N ASN D 73 -22.54 -9.86 16.04
CA ASN D 73 -22.69 -8.96 17.19
C ASN D 73 -23.48 -9.62 18.32
N ARG D 74 -23.65 -8.88 19.41
CA ARG D 74 -24.22 -9.40 20.66
C ARG D 74 -25.44 -10.31 20.51
N ARG D 75 -26.48 -9.79 19.86
CA ARG D 75 -27.74 -10.52 19.68
C ARG D 75 -27.63 -11.57 18.57
N ASN D 76 -27.53 -11.14 17.32
CA ASN D 76 -27.52 -12.07 16.20
C ASN D 76 -26.39 -11.89 15.18
N ILE D 77 -26.31 -12.84 14.24
CA ILE D 77 -25.29 -12.90 13.21
C ILE D 77 -25.90 -12.84 11.81
N VAL D 78 -25.33 -12.01 10.94
CA VAL D 78 -25.82 -11.85 9.56
C VAL D 78 -24.72 -11.91 8.50
N ARG D 79 -25.08 -12.36 7.30
CA ARG D 79 -24.11 -12.65 6.25
C ARG D 79 -24.31 -11.81 4.98
N SER D 80 -23.20 -11.50 4.33
CA SER D 80 -23.22 -10.73 3.09
C SER D 80 -22.41 -11.42 2.00
N PRO D 81 -23.11 -12.15 1.09
CA PRO D 81 -22.43 -12.72 -0.07
C PRO D 81 -22.06 -11.63 -1.09
N TYR D 82 -21.18 -11.98 -2.03
CA TYR D 82 -20.71 -11.04 -3.03
C TYR D 82 -21.71 -10.91 -4.18
N ARG D 83 -21.96 -9.66 -4.60
CA ARG D 83 -22.74 -9.40 -5.80
C ARG D 83 -21.86 -9.60 -7.03
N GLY D 84 -22.47 -9.63 -8.21
CA GLY D 84 -21.76 -9.95 -9.45
C GLY D 84 -20.70 -8.94 -9.84
N ASN D 85 -20.98 -7.68 -9.54
CA ASN D 85 -20.09 -6.58 -9.91
C ASN D 85 -19.02 -6.25 -8.86
N ASP D 86 -19.00 -7.03 -7.77
CA ASP D 86 -18.05 -6.83 -6.66
C ASP D 86 -16.59 -7.07 -7.07
N PHE D 87 -16.39 -7.92 -8.07
CA PHE D 87 -15.08 -8.09 -8.71
C PHE D 87 -15.23 -8.78 -10.08
N ASP D 88 -14.13 -9.28 -10.61
CA ASP D 88 -14.13 -9.97 -11.90
C ASP D 88 -13.66 -11.42 -11.80
N PHE D 89 -12.78 -11.70 -10.86
CA PHE D 89 -12.31 -13.06 -10.62
C PHE D 89 -12.02 -13.31 -9.14
N ALA D 90 -12.08 -14.58 -8.75
CA ALA D 90 -11.72 -14.99 -7.40
C ALA D 90 -10.63 -16.07 -7.47
N VAL D 91 -9.51 -15.83 -6.80
CA VAL D 91 -8.42 -16.79 -6.78
C VAL D 91 -8.24 -17.42 -5.40
N ALA D 92 -8.28 -18.75 -5.35
CA ALA D 92 -8.04 -19.49 -4.12
C ALA D 92 -6.62 -20.05 -4.09
N TYR D 93 -5.97 -19.87 -2.95
CA TYR D 93 -4.58 -20.26 -2.77
C TYR D 93 -4.48 -21.43 -1.80
N VAL D 94 -3.74 -22.46 -2.19
CA VAL D 94 -3.31 -23.49 -1.26
C VAL D 94 -1.84 -23.20 -0.97
N GLU D 95 -1.49 -23.08 0.31
CA GLU D 95 -0.14 -22.65 0.64
C GLU D 95 0.91 -23.75 0.46
N GLU D 96 0.73 -24.89 1.11
CA GLU D 96 1.74 -25.96 1.10
C GLU D 96 2.09 -26.47 -0.31
N LEU D 97 1.09 -26.54 -1.16
CA LEU D 97 1.30 -26.75 -2.59
C LEU D 97 1.08 -25.39 -3.21
N GLU D 98 2.13 -24.80 -3.79
CA GLU D 98 2.04 -23.44 -4.32
C GLU D 98 1.06 -23.36 -5.49
N LEU D 99 -0.23 -23.36 -5.16
CA LEU D 99 -1.27 -23.69 -6.13
C LEU D 99 -2.47 -22.75 -6.09
N PHE D 100 -2.90 -22.34 -7.28
CA PHE D 100 -4.01 -21.42 -7.45
C PHE D 100 -5.14 -21.98 -8.30
N TYR D 101 -6.36 -21.87 -7.79
CA TYR D 101 -7.56 -22.01 -8.62
C TYR D 101 -8.05 -20.61 -8.94
N VAL D 102 -8.47 -20.37 -10.18
CA VAL D 102 -9.05 -19.07 -10.53
C VAL D 102 -10.49 -19.24 -11.01
N PHE D 103 -11.41 -18.57 -10.33
CA PHE D 103 -12.84 -18.64 -10.65
C PHE D 103 -13.33 -17.28 -11.16
N PRO D 104 -14.22 -17.28 -12.16
CA PRO D 104 -15.03 -16.08 -12.44
C PRO D 104 -15.98 -15.79 -11.27
N VAL D 105 -16.52 -14.58 -11.21
CA VAL D 105 -17.39 -14.15 -10.10
C VAL D 105 -18.58 -15.09 -9.96
N ASP D 106 -19.29 -15.28 -11.08
CA ASP D 106 -20.52 -16.08 -11.14
C ASP D 106 -20.28 -17.50 -10.68
N VAL D 107 -19.22 -18.12 -11.19
CA VAL D 107 -18.82 -19.47 -10.79
C VAL D 107 -18.51 -19.51 -9.30
N PHE D 108 -18.03 -18.39 -8.76
CA PHE D 108 -17.69 -18.30 -7.35
C PHE D 108 -18.91 -18.09 -6.45
N ILE D 109 -19.77 -17.13 -6.80
CA ILE D 109 -20.99 -16.87 -6.03
C ILE D 109 -22.05 -17.98 -6.19
N SER D 110 -21.96 -18.72 -7.29
CA SER D 110 -22.89 -19.82 -7.58
C SER D 110 -22.84 -20.96 -6.55
N TYR D 111 -21.74 -21.05 -5.81
CA TYR D 111 -21.63 -21.99 -4.69
C TYR D 111 -22.52 -21.58 -3.51
N GLY D 112 -22.83 -22.54 -2.64
CA GLY D 112 -23.73 -22.30 -1.52
C GLY D 112 -23.04 -21.61 -0.36
N SER D 113 -21.98 -22.23 0.12
CA SER D 113 -21.12 -21.63 1.12
C SER D 113 -19.68 -22.13 0.88
N GLU D 114 -19.26 -23.14 1.65
CA GLU D 114 -17.96 -23.75 1.45
C GLU D 114 -17.80 -24.22 0.01
N ILE D 115 -16.58 -24.15 -0.50
CA ILE D 115 -16.26 -24.67 -1.82
C ILE D 115 -14.97 -25.47 -1.73
N HIS D 116 -15.09 -26.79 -1.86
CA HIS D 116 -13.98 -27.69 -1.65
C HIS D 116 -13.13 -27.87 -2.90
N LEU D 117 -11.82 -27.98 -2.67
CA LEU D 117 -10.85 -28.29 -3.71
C LEU D 117 -10.15 -29.57 -3.31
N VAL D 118 -10.16 -30.57 -4.19
CA VAL D 118 -9.50 -31.85 -3.91
C VAL D 118 -8.26 -32.03 -4.77
N GLU D 119 -7.16 -32.43 -4.13
CA GLU D 119 -5.89 -32.61 -4.83
C GLU D 119 -5.38 -34.05 -4.71
N THR D 120 -6.14 -34.87 -3.97
CA THR D 120 -5.89 -36.30 -3.85
C THR D 120 -6.20 -37.01 -5.17
N ASP D 121 -5.51 -38.11 -5.43
CA ASP D 121 -5.79 -38.97 -6.60
C ASP D 121 -7.27 -39.34 -6.65
N LYS D 122 -7.85 -39.57 -5.47
CA LYS D 122 -9.30 -39.61 -5.23
C LYS D 122 -10.08 -40.73 -5.94
N ARG D 123 -9.73 -41.00 -7.20
CA ARG D 123 -10.43 -41.93 -8.11
C ARG D 123 -11.94 -41.63 -8.36
N GLN D 124 -12.52 -40.73 -7.55
CA GLN D 124 -13.84 -40.16 -7.80
C GLN D 124 -13.77 -39.24 -9.03
N ARG D 125 -14.91 -38.77 -9.51
CA ARG D 125 -14.92 -37.92 -10.71
C ARG D 125 -14.60 -36.43 -10.44
N LYS D 126 -14.31 -36.09 -9.20
CA LYS D 126 -13.94 -34.71 -8.78
C LYS D 126 -15.07 -33.68 -8.97
N PRO D 127 -15.24 -32.75 -8.00
CA PRO D 127 -16.31 -31.77 -8.12
C PRO D 127 -16.01 -30.73 -9.19
N ARG D 128 -16.97 -29.86 -9.45
CA ARG D 128 -16.85 -28.89 -10.55
C ARG D 128 -15.73 -27.86 -10.37
N SER D 129 -15.19 -27.79 -9.16
CA SER D 129 -14.08 -26.89 -8.84
C SER D 129 -12.81 -27.22 -9.63
N PHE D 130 -12.53 -28.51 -9.80
CA PHE D 130 -11.29 -28.98 -10.43
C PHE D 130 -11.01 -28.34 -11.78
N GLY D 131 -12.06 -28.04 -12.53
CA GLY D 131 -11.91 -27.44 -13.87
C GLY D 131 -11.28 -26.06 -13.89
N TYR D 132 -10.77 -25.62 -12.74
CA TYR D 132 -10.23 -24.26 -12.60
C TYR D 132 -8.81 -24.18 -12.06
N ARG D 133 -8.16 -25.33 -11.86
CA ARG D 133 -6.75 -25.38 -11.47
C ARG D 133 -5.89 -24.56 -12.44
N GLU D 134 -5.20 -23.57 -11.91
CA GLU D 134 -4.38 -22.64 -12.71
C GLU D 134 -5.10 -22.12 -13.94
N ALA D 135 -6.35 -21.71 -13.75
CA ALA D 135 -7.20 -21.21 -14.84
C ALA D 135 -6.85 -19.79 -15.27
N TRP D 136 -5.55 -19.47 -15.26
CA TRP D 136 -5.07 -18.13 -15.59
C TRP D 136 -5.45 -17.68 -17.01
N HIS D 137 -5.77 -18.64 -17.87
CA HIS D 137 -6.25 -18.35 -19.21
C HIS D 137 -7.60 -17.63 -19.20
N LEU D 138 -8.46 -17.98 -18.24
CA LEU D 138 -9.79 -17.37 -18.11
C LEU D 138 -9.75 -15.87 -17.88
N ILE D 139 -8.76 -15.42 -17.11
CA ILE D 139 -8.53 -14.00 -16.90
C ILE D 139 -7.91 -13.35 -18.13
N LEU D 140 -7.02 -14.08 -18.81
CA LEU D 140 -6.43 -13.61 -20.06
C LEU D 140 -7.48 -13.47 -21.18
N GLN D 141 -8.40 -14.44 -21.26
CA GLN D 141 -9.47 -14.46 -22.26
C GLN D 141 -10.48 -13.34 -22.04
N LYS D 142 -10.82 -13.06 -20.79
CA LYS D 142 -11.73 -11.98 -20.44
C LYS D 142 -11.09 -10.65 -20.82
N GLY D 143 -9.76 -10.65 -20.85
CA GLY D 143 -8.98 -9.47 -21.23
C GLY D 143 -9.22 -9.05 -22.67
N ALA D 144 -9.09 -10.01 -23.59
CA ALA D 144 -9.29 -9.77 -25.02
C ALA D 144 -10.78 -9.57 -25.35
N ALA D 145 -11.65 -10.12 -24.50
CA ALA D 145 -13.09 -9.98 -24.64
C ALA D 145 -13.57 -8.53 -24.49
N GLN D 146 -12.86 -7.74 -23.69
CA GLN D 146 -13.15 -6.31 -23.54
C GLN D 146 -12.30 -5.43 -24.45
N LYS D 147 -11.22 -6.01 -24.96
CA LYS D 147 -10.21 -5.27 -25.74
C LYS D 147 -10.79 -4.51 -26.94
N GLU D 148 -11.58 -5.19 -27.76
CA GLU D 148 -12.24 -4.57 -28.91
C GLU D 148 -13.28 -3.53 -28.45
N THR D 149 -13.60 -2.58 -29.33
CA THR D 149 -14.56 -1.50 -29.07
C THR D 149 -15.42 -1.67 -27.80
N MET E 1 8.23 -5.60 -22.88
CA MET E 1 7.69 -6.87 -22.30
C MET E 1 8.06 -7.03 -20.82
N GLY E 2 9.34 -7.26 -20.54
CA GLY E 2 9.83 -7.42 -19.16
C GLY E 2 11.27 -6.97 -19.01
N SER E 3 11.46 -5.67 -18.78
CA SER E 3 12.80 -5.07 -18.71
C SER E 3 13.34 -5.01 -17.26
N THR E 4 14.42 -4.25 -17.09
CA THR E 4 15.11 -4.10 -15.79
C THR E 4 14.22 -3.49 -14.71
N LYS E 5 13.33 -2.57 -15.11
CA LYS E 5 12.36 -1.96 -14.19
C LYS E 5 11.40 -3.00 -13.63
N LEU E 6 11.18 -4.07 -14.39
CA LEU E 6 10.29 -5.16 -14.00
C LEU E 6 11.02 -6.30 -13.26
N LYS E 7 12.28 -6.54 -13.59
CA LYS E 7 13.09 -7.55 -12.89
C LYS E 7 13.28 -7.18 -11.42
N GLY E 8 13.56 -5.89 -11.18
CA GLY E 8 13.67 -5.36 -9.81
C GLY E 8 12.35 -5.39 -9.07
N ASP E 9 11.24 -5.25 -9.80
CA ASP E 9 9.90 -5.34 -9.22
C ASP E 9 9.60 -6.72 -8.62
N ILE E 10 9.95 -7.78 -9.36
CA ILE E 10 9.77 -9.15 -8.87
C ILE E 10 10.62 -9.36 -7.62
N ALA E 11 11.87 -8.95 -7.70
CA ALA E 11 12.81 -9.05 -6.59
C ALA E 11 12.25 -8.42 -5.32
N GLN E 12 11.64 -7.25 -5.46
CA GLN E 12 11.04 -6.55 -4.33
C GLN E 12 9.92 -7.39 -3.73
N GLN E 13 9.03 -7.87 -4.58
CA GLN E 13 7.89 -8.68 -4.18
C GLN E 13 8.29 -10.02 -3.57
N ALA E 14 9.36 -10.61 -4.08
CA ALA E 14 9.89 -11.85 -3.54
C ALA E 14 10.32 -11.65 -2.09
N ALA E 15 11.04 -10.57 -1.84
CA ALA E 15 11.53 -10.23 -0.49
C ALA E 15 10.36 -10.02 0.46
N ILE E 16 9.34 -9.30 0.01
CA ILE E 16 8.13 -9.10 0.78
C ILE E 16 7.52 -10.44 1.17
N MET E 17 7.45 -11.36 0.20
CA MET E 17 6.87 -12.67 0.44
C MET E 17 7.64 -13.40 1.55
N ARG E 18 8.96 -13.44 1.41
CA ARG E 18 9.82 -14.08 2.40
C ARG E 18 9.62 -13.50 3.79
N ALA E 19 9.54 -12.17 3.89
CA ALA E 19 9.32 -11.49 5.16
C ALA E 19 7.97 -11.86 5.76
N LEU E 20 6.97 -12.04 4.89
CA LEU E 20 5.62 -12.39 5.32
C LEU E 20 5.58 -13.82 5.83
N LYS E 21 6.31 -14.70 5.14
CA LYS E 21 6.43 -16.08 5.54
C LYS E 21 7.08 -16.16 6.92
N MET E 22 8.03 -15.26 7.17
CA MET E 22 8.72 -15.16 8.45
C MET E 22 7.83 -14.57 9.55
N GLY E 23 6.61 -14.18 9.18
CA GLY E 23 5.64 -13.66 10.14
C GLY E 23 5.84 -12.19 10.45
N TRP E 24 6.88 -11.60 9.85
CA TRP E 24 7.25 -10.21 10.07
C TRP E 24 6.28 -9.24 9.39
N GLY E 25 6.32 -7.98 9.81
CA GLY E 25 5.60 -6.91 9.14
C GLY E 25 6.48 -6.35 8.05
N VAL E 26 5.88 -5.61 7.12
CA VAL E 26 6.63 -4.97 6.04
C VAL E 26 6.06 -3.60 5.67
N LEU E 27 6.92 -2.58 5.74
CA LEU E 27 6.56 -1.19 5.47
C LEU E 27 7.17 -0.75 4.15
N LYS E 28 6.40 -0.02 3.34
CA LYS E 28 6.90 0.51 2.07
C LYS E 28 6.89 2.04 2.08
N PRO E 29 8.03 2.66 1.71
CA PRO E 29 8.19 4.11 1.69
C PRO E 29 7.50 4.76 0.49
N LEU E 30 7.27 6.07 0.58
CA LEU E 30 6.72 6.85 -0.53
C LEU E 30 7.84 7.45 -1.37
N GLY E 31 7.80 7.20 -2.68
CA GLY E 31 8.84 7.69 -3.58
C GLY E 31 10.16 6.96 -3.39
N ASP E 32 11.14 7.25 -4.23
CA ASP E 32 12.42 6.55 -4.19
C ASP E 32 13.57 7.49 -3.79
N ARG E 33 13.25 8.49 -2.98
CA ARG E 33 14.27 9.40 -2.47
C ARG E 33 14.99 8.84 -1.23
N LEU E 34 14.38 7.85 -0.57
CA LEU E 34 15.00 7.24 0.60
C LEU E 34 16.06 6.20 0.21
N SER E 35 16.96 5.90 1.14
CA SER E 35 18.13 5.04 0.89
C SER E 35 17.83 3.53 0.85
N TYR E 36 16.63 3.15 1.28
CA TYR E 36 16.24 1.74 1.40
C TYR E 36 14.91 1.49 0.70
N ASP E 37 14.73 0.29 0.16
CA ASP E 37 13.52 -0.03 -0.60
C ASP E 37 12.38 -0.51 0.30
N LEU E 38 12.72 -1.28 1.33
CA LEU E 38 11.75 -1.87 2.25
C LEU E 38 12.19 -1.71 3.70
N VAL E 39 11.26 -1.91 4.63
CA VAL E 39 11.60 -2.07 6.03
C VAL E 39 10.75 -3.17 6.68
N PHE E 40 11.42 -4.10 7.35
CA PHE E 40 10.76 -5.23 8.00
C PHE E 40 10.55 -4.98 9.48
N ASP E 41 9.34 -5.27 9.95
CA ASP E 41 9.03 -5.21 11.36
C ASP E 41 9.24 -6.59 11.96
N VAL E 42 10.47 -6.83 12.41
CA VAL E 42 10.82 -8.07 13.08
C VAL E 42 10.49 -7.93 14.56
N GLU E 43 9.27 -8.36 14.91
CA GLU E 43 8.78 -8.37 16.29
C GLU E 43 8.93 -7.03 17.00
N GLY E 44 8.54 -5.95 16.33
CA GLY E 44 8.62 -4.62 16.92
C GLY E 44 9.76 -3.79 16.38
N ILE E 45 10.92 -4.42 16.21
CA ILE E 45 12.11 -3.72 15.71
C ILE E 45 12.05 -3.53 14.18
N LEU E 46 12.19 -2.28 13.75
CA LEU E 46 12.15 -1.93 12.32
C LEU E 46 13.56 -1.92 11.72
N LEU E 47 13.75 -2.70 10.66
CA LEU E 47 15.04 -2.84 10.01
C LEU E 47 14.96 -2.41 8.55
N LYS E 48 15.83 -1.49 8.16
CA LYS E 48 15.86 -0.98 6.79
C LYS E 48 16.50 -2.02 5.88
N VAL E 49 15.88 -2.27 4.73
CA VAL E 49 16.43 -3.24 3.79
C VAL E 49 16.36 -2.76 2.35
N GLN E 50 17.49 -2.87 1.67
CA GLN E 50 17.63 -2.50 0.27
C GLN E 50 17.54 -3.77 -0.59
N VAL E 51 16.69 -3.74 -1.62
CA VAL E 51 16.52 -4.89 -2.49
C VAL E 51 17.39 -4.77 -3.73
N LYS E 52 18.05 -5.87 -4.08
CA LYS E 52 18.91 -5.96 -5.27
C LYS E 52 18.64 -7.25 -6.04
N SER E 53 18.68 -7.17 -7.37
CA SER E 53 18.53 -8.34 -8.21
C SER E 53 19.85 -8.68 -8.91
N SER E 54 20.07 -9.96 -9.17
CA SER E 54 21.29 -10.43 -9.82
C SER E 54 21.08 -10.74 -11.30
N TRP E 55 22.17 -10.69 -12.07
CA TRP E 55 22.17 -11.10 -13.48
C TRP E 55 23.13 -12.27 -13.77
N LYS E 56 22.76 -13.11 -14.75
CA LYS E 56 23.39 -14.42 -14.96
C LYS E 56 24.86 -14.40 -15.39
N SER E 57 25.26 -13.40 -16.18
CA SER E 57 26.68 -13.13 -16.50
C SER E 57 27.47 -14.15 -17.35
N GLU E 58 28.35 -13.60 -18.19
CA GLU E 58 29.37 -14.32 -18.99
C GLU E 58 28.95 -15.71 -19.50
N LYS E 59 29.82 -16.71 -19.31
CA LYS E 59 29.48 -18.09 -19.67
C LYS E 59 28.23 -18.50 -18.85
N THR E 60 28.32 -18.72 -17.54
CA THR E 60 29.54 -18.92 -16.76
C THR E 60 29.19 -19.87 -15.61
N GLY E 61 27.89 -20.02 -15.38
CA GLY E 61 27.35 -20.88 -14.33
C GLY E 61 27.10 -20.18 -13.00
N ASN E 62 27.27 -18.86 -12.97
CA ASN E 62 27.19 -18.10 -11.72
C ASN E 62 26.79 -16.64 -11.89
N TYR E 63 26.15 -16.09 -10.85
CA TYR E 63 25.45 -14.79 -10.92
C TYR E 63 26.22 -13.63 -10.27
N VAL E 64 25.82 -12.40 -10.60
CA VAL E 64 26.54 -11.18 -10.19
C VAL E 64 25.58 -10.07 -9.74
N VAL E 65 25.99 -9.32 -8.72
CA VAL E 65 25.21 -8.18 -8.23
C VAL E 65 26.11 -6.97 -7.93
N ASP E 66 25.58 -5.76 -8.10
CA ASP E 66 26.37 -4.53 -7.94
C ASP E 66 25.84 -3.57 -6.86
N ASN E 67 26.74 -2.71 -6.37
CA ASN E 67 26.40 -1.69 -5.37
C ASN E 67 26.79 -0.28 -5.80
N ARG E 68 25.79 0.55 -6.12
CA ARG E 68 26.06 1.92 -6.56
C ARG E 68 25.48 2.97 -5.61
N ARG E 69 26.32 3.39 -4.65
CA ARG E 69 25.96 4.41 -3.66
C ARG E 69 26.27 5.84 -4.16
N THR E 70 26.88 5.94 -5.33
CA THR E 70 27.20 7.22 -5.96
C THR E 70 25.94 7.87 -6.56
N ARG E 71 25.05 7.03 -7.10
CA ARG E 71 23.84 7.49 -7.78
C ARG E 71 22.59 6.88 -7.16
N GLY E 84 23.01 6.54 -2.46
CA GLY E 84 22.84 6.75 -1.02
C GLY E 84 23.45 5.65 -0.17
N ASN E 85 23.46 5.86 1.14
CA ASN E 85 24.02 4.89 2.08
C ASN E 85 23.13 4.74 3.32
N ASP E 86 23.53 3.87 4.24
CA ASP E 86 22.79 3.61 5.49
C ASP E 86 21.43 2.94 5.31
N PHE E 87 21.46 1.60 5.36
CA PHE E 87 20.30 0.77 5.62
C PHE E 87 20.65 -0.19 6.75
N ASP E 88 20.25 -1.46 6.65
CA ASP E 88 20.66 -2.49 7.61
C ASP E 88 21.04 -3.76 6.89
N PHE E 89 20.21 -4.16 5.92
CA PHE E 89 20.40 -5.40 5.19
C PHE E 89 20.13 -5.25 3.70
N ALA E 90 21.00 -5.87 2.89
CA ALA E 90 20.79 -5.92 1.46
C ALA E 90 20.42 -7.34 1.03
N VAL E 91 19.35 -7.45 0.24
CA VAL E 91 18.89 -8.75 -0.24
C VAL E 91 19.04 -8.89 -1.75
N ALA E 92 19.88 -9.82 -2.18
CA ALA E 92 20.08 -10.08 -3.60
C ALA E 92 19.19 -11.21 -4.07
N TYR E 93 18.55 -11.04 -5.22
CA TYR E 93 17.63 -12.06 -5.75
C TYR E 93 18.15 -12.73 -7.01
N VAL E 94 18.03 -14.04 -7.04
CA VAL E 94 18.30 -14.83 -8.24
C VAL E 94 16.97 -15.37 -8.74
N GLU E 95 16.47 -14.81 -9.83
CA GLU E 95 15.17 -15.20 -10.40
C GLU E 95 15.10 -16.69 -10.73
N GLU E 96 16.19 -17.21 -11.28
CA GLU E 96 16.23 -18.56 -11.83
C GLU E 96 16.13 -19.64 -10.75
N LEU E 97 16.81 -19.43 -9.62
CA LEU E 97 16.80 -20.40 -8.53
C LEU E 97 15.88 -19.98 -7.39
N GLU E 98 15.11 -18.91 -7.61
CA GLU E 98 14.17 -18.39 -6.61
C GLU E 98 14.80 -18.29 -5.20
N LEU E 99 16.05 -17.87 -5.14
CA LEU E 99 16.75 -17.76 -3.85
C LEU E 99 17.31 -16.36 -3.55
N PHE E 100 17.53 -16.12 -2.26
CA PHE E 100 18.00 -14.83 -1.75
C PHE E 100 19.33 -14.94 -1.03
N TYR E 101 20.21 -13.97 -1.25
CA TYR E 101 21.38 -13.75 -0.43
C TYR E 101 21.08 -12.53 0.43
N VAL E 102 21.29 -12.67 1.74
CA VAL E 102 21.02 -11.55 2.66
C VAL E 102 22.32 -11.07 3.31
N PHE E 103 22.70 -9.84 2.99
CA PHE E 103 23.95 -9.23 3.45
C PHE E 103 23.70 -8.13 4.46
N PRO E 104 24.47 -8.11 5.56
CA PRO E 104 24.48 -6.97 6.47
C PRO E 104 25.16 -5.76 5.83
N VAL E 105 24.80 -4.55 6.28
CA VAL E 105 25.37 -3.30 5.77
C VAL E 105 26.87 -3.35 5.52
N ASP E 106 27.64 -3.55 6.60
CA ASP E 106 29.09 -3.49 6.54
C ASP E 106 29.69 -4.50 5.57
N VAL E 107 29.18 -5.72 5.58
CA VAL E 107 29.62 -6.78 4.67
C VAL E 107 29.32 -6.40 3.21
N PHE E 108 28.16 -5.77 3.00
CA PHE E 108 27.73 -5.36 1.67
C PHE E 108 28.58 -4.23 1.10
N ILE E 109 28.87 -3.23 1.92
CA ILE E 109 29.69 -2.09 1.50
C ILE E 109 31.17 -2.44 1.38
N SER E 110 31.60 -3.47 2.12
CA SER E 110 33.00 -3.90 2.15
C SER E 110 33.46 -4.53 0.84
N TYR E 111 32.52 -4.83 -0.04
CA TYR E 111 32.84 -5.25 -1.40
C TYR E 111 33.19 -4.03 -2.24
N GLY E 112 34.19 -4.18 -3.11
CA GLY E 112 34.58 -3.12 -4.04
C GLY E 112 33.52 -2.91 -5.09
N SER E 113 33.71 -3.51 -6.26
CA SER E 113 32.72 -3.42 -7.33
C SER E 113 31.67 -4.52 -7.20
N GLU E 114 31.75 -5.53 -8.06
CA GLU E 114 30.74 -6.59 -8.14
C GLU E 114 30.82 -7.57 -6.98
N ILE E 115 29.70 -8.22 -6.70
CA ILE E 115 29.64 -9.32 -5.74
C ILE E 115 29.28 -10.60 -6.49
N HIS E 116 30.19 -11.56 -6.47
CA HIS E 116 29.98 -12.82 -7.16
C HIS E 116 29.16 -13.80 -6.31
N LEU E 117 28.10 -14.32 -6.90
CA LEU E 117 27.33 -15.40 -6.29
C LEU E 117 27.55 -16.64 -7.13
N VAL E 118 27.90 -17.75 -6.49
CA VAL E 118 28.15 -19.00 -7.20
C VAL E 118 27.25 -20.10 -6.66
N GLU E 119 26.33 -20.57 -7.50
CA GLU E 119 25.46 -21.66 -7.08
C GLU E 119 26.10 -23.03 -7.29
N THR E 120 26.01 -23.56 -8.51
CA THR E 120 26.64 -24.84 -8.91
C THR E 120 26.60 -25.98 -7.89
N ASP E 121 26.93 -27.19 -8.36
CA ASP E 121 26.97 -28.34 -7.45
C ASP E 121 28.35 -28.59 -6.87
N LYS E 122 28.87 -27.56 -6.20
CA LYS E 122 29.97 -27.65 -5.23
C LYS E 122 31.30 -28.22 -5.74
N ARG E 123 32.05 -28.76 -4.78
CA ARG E 123 33.36 -29.41 -4.98
C ARG E 123 34.50 -28.41 -5.25
N GLN E 124 34.28 -27.15 -4.88
CA GLN E 124 35.35 -26.15 -4.89
C GLN E 124 35.19 -25.15 -3.74
N ARG E 125 36.20 -24.30 -3.56
CA ARG E 125 36.15 -23.20 -2.59
C ARG E 125 35.14 -22.16 -3.05
N LYS E 126 34.20 -21.84 -2.17
CA LYS E 126 33.17 -20.86 -2.48
C LYS E 126 33.58 -19.45 -2.06
N PRO E 127 33.04 -18.41 -2.74
CA PRO E 127 33.29 -17.01 -2.39
C PRO E 127 32.87 -16.65 -0.96
N ARG E 128 33.29 -15.46 -0.52
CA ARG E 128 32.90 -14.91 0.79
C ARG E 128 31.39 -14.81 0.95
N SER E 129 30.72 -14.50 -0.16
CA SER E 129 29.28 -14.29 -0.21
C SER E 129 28.46 -15.53 0.14
N PHE E 130 29.00 -16.71 -0.17
CA PHE E 130 28.29 -17.98 -0.01
C PHE E 130 27.72 -18.20 1.39
N GLY E 131 28.41 -17.68 2.41
CA GLY E 131 27.96 -17.80 3.80
C GLY E 131 26.76 -16.94 4.13
N TYR E 132 26.32 -16.14 3.15
CA TYR E 132 25.17 -15.25 3.34
C TYR E 132 23.98 -15.69 2.49
N ARG E 133 24.08 -16.90 1.94
CA ARG E 133 23.00 -17.49 1.15
C ARG E 133 21.82 -17.90 2.04
N GLU E 134 20.67 -17.27 1.79
CA GLU E 134 19.43 -17.52 2.54
C GLU E 134 19.61 -17.25 4.04
N ALA E 135 20.55 -16.38 4.37
CA ALA E 135 20.95 -16.10 5.75
C ALA E 135 20.00 -15.15 6.46
N TRP E 136 18.71 -15.48 6.45
CA TRP E 136 17.67 -14.64 7.03
C TRP E 136 17.73 -14.61 8.55
N HIS E 137 18.49 -15.52 9.13
CA HIS E 137 18.72 -15.58 10.57
C HIS E 137 19.49 -14.36 11.06
N LEU E 138 20.37 -13.83 10.20
CA LEU E 138 21.17 -12.66 10.52
C LEU E 138 20.30 -11.45 10.85
N ILE E 139 19.26 -11.25 10.06
CA ILE E 139 18.31 -10.17 10.32
C ILE E 139 17.41 -10.50 11.52
N LEU E 140 17.10 -11.78 11.69
CA LEU E 140 16.35 -12.28 12.84
C LEU E 140 17.13 -12.06 14.14
N GLN E 141 18.45 -12.10 14.03
CA GLN E 141 19.35 -11.92 15.18
C GLN E 141 19.57 -10.44 15.52
N LYS E 142 19.70 -9.60 14.50
CA LYS E 142 19.89 -8.16 14.69
C LYS E 142 18.71 -7.55 15.44
N GLY E 143 17.51 -8.06 15.18
CA GLY E 143 16.29 -7.62 15.86
C GLY E 143 16.31 -7.96 17.34
N ALA E 144 16.73 -9.18 17.66
CA ALA E 144 16.80 -9.64 19.05
C ALA E 144 17.90 -8.92 19.83
N ALA E 145 19.03 -8.66 19.16
CA ALA E 145 20.16 -7.97 19.76
C ALA E 145 19.84 -6.50 20.03
N GLN E 146 19.13 -5.87 19.10
CA GLN E 146 18.77 -4.45 19.21
C GLN E 146 17.66 -4.21 20.23
N LYS E 147 16.90 -5.26 20.55
CA LYS E 147 15.86 -5.18 21.58
C LYS E 147 16.48 -5.05 22.96
N GLU E 148 17.62 -5.72 23.14
CA GLU E 148 18.34 -5.73 24.43
C GLU E 148 19.22 -4.50 24.66
N THR E 149 19.61 -3.82 23.57
CA THR E 149 20.30 -2.53 23.68
C THR E 149 19.25 -1.42 23.63
N SER E 150 18.33 -1.44 24.59
CA SER E 150 17.24 -0.47 24.70
C SER E 150 16.56 -0.59 26.06
N SER F 3 16.55 16.46 -5.49
CA SER F 3 15.60 15.79 -6.43
C SER F 3 14.16 16.25 -6.19
N THR F 4 13.52 16.74 -7.24
CA THR F 4 12.13 17.25 -7.18
C THR F 4 11.09 16.12 -7.08
N LYS F 5 11.56 14.89 -6.96
CA LYS F 5 10.69 13.73 -6.76
C LYS F 5 9.70 13.98 -5.61
N LEU F 6 10.12 14.76 -4.62
CA LEU F 6 9.26 15.15 -3.50
C LEU F 6 8.04 15.95 -3.98
N LYS F 7 8.28 16.92 -4.87
CA LYS F 7 7.19 17.73 -5.42
C LYS F 7 6.10 16.84 -6.02
N GLY F 8 6.52 15.88 -6.84
CA GLY F 8 5.62 14.86 -7.39
C GLY F 8 4.91 14.07 -6.31
N ASP F 9 5.66 13.62 -5.31
CA ASP F 9 5.10 12.89 -4.17
C ASP F 9 3.97 13.66 -3.51
N ILE F 10 4.17 14.96 -3.31
CA ILE F 10 3.17 15.80 -2.66
C ILE F 10 1.93 15.93 -3.54
N ALA F 11 2.13 16.07 -4.85
CA ALA F 11 1.03 16.16 -5.81
C ALA F 11 0.17 14.91 -5.76
N GLN F 12 0.81 13.75 -5.73
CA GLN F 12 0.12 12.48 -5.70
C GLN F 12 -0.71 12.32 -4.43
N GLN F 13 -0.09 12.58 -3.28
CA GLN F 13 -0.79 12.42 -1.98
C GLN F 13 -1.95 13.38 -1.83
N ALA F 14 -1.83 14.54 -2.46
CA ALA F 14 -2.94 15.50 -2.51
C ALA F 14 -4.08 14.90 -3.32
N ALA F 15 -3.74 14.33 -4.48
CA ALA F 15 -4.72 13.70 -5.34
C ALA F 15 -5.43 12.58 -4.60
N ILE F 16 -4.66 11.66 -4.03
CA ILE F 16 -5.19 10.55 -3.24
C ILE F 16 -6.21 11.05 -2.21
N MET F 17 -5.84 12.11 -1.48
CA MET F 17 -6.74 12.74 -0.51
C MET F 17 -8.03 13.25 -1.13
N ARG F 18 -7.95 13.85 -2.31
CA ARG F 18 -9.14 14.41 -2.97
C ARG F 18 -10.14 13.31 -3.32
N ALA F 19 -9.61 12.19 -3.81
CA ALA F 19 -10.43 11.03 -4.15
C ALA F 19 -11.16 10.48 -2.93
N LEU F 20 -10.45 10.37 -1.81
CA LEU F 20 -11.04 9.87 -0.58
C LEU F 20 -12.03 10.87 0.00
N LYS F 21 -11.76 12.16 -0.23
CA LYS F 21 -12.66 13.23 0.20
C LYS F 21 -14.01 13.13 -0.51
N MET F 22 -14.03 12.46 -1.66
CA MET F 22 -15.27 12.23 -2.41
C MET F 22 -15.69 10.76 -2.39
N GLY F 23 -15.16 10.02 -1.42
CA GLY F 23 -15.60 8.65 -1.14
C GLY F 23 -15.22 7.58 -2.14
N TRP F 24 -14.31 7.90 -3.06
CA TRP F 24 -13.85 6.92 -4.04
C TRP F 24 -12.82 5.96 -3.46
N GLY F 25 -12.53 4.89 -4.18
CA GLY F 25 -11.43 4.00 -3.85
C GLY F 25 -10.20 4.44 -4.62
N VAL F 26 -9.02 4.19 -4.07
CA VAL F 26 -7.77 4.55 -4.73
C VAL F 26 -6.88 3.32 -4.86
N LEU F 27 -6.32 3.13 -6.04
CA LEU F 27 -5.47 1.98 -6.33
C LEU F 27 -4.09 2.46 -6.76
N LYS F 28 -3.05 1.74 -6.35
CA LYS F 28 -1.67 2.18 -6.59
C LYS F 28 -0.78 1.09 -7.19
N PRO F 29 -0.30 1.29 -8.43
CA PRO F 29 0.52 0.33 -9.17
C PRO F 29 1.90 0.13 -8.58
N LEU F 30 2.34 -1.12 -8.55
CA LEU F 30 3.69 -1.44 -8.05
C LEU F 30 4.73 -1.13 -9.12
N GLY F 31 5.74 -0.34 -8.75
CA GLY F 31 6.77 0.08 -9.70
C GLY F 31 6.24 1.12 -10.68
N ASP F 32 7.13 1.63 -11.53
CA ASP F 32 6.73 2.69 -12.46
C ASP F 32 6.82 2.29 -13.93
N ARG F 33 6.27 1.11 -14.24
CA ARG F 33 6.23 0.62 -15.61
C ARG F 33 5.01 1.16 -16.37
N LEU F 34 3.95 1.46 -15.64
CA LEU F 34 2.66 1.80 -16.24
C LEU F 34 2.54 3.26 -16.71
N SER F 35 1.54 3.50 -17.57
CA SER F 35 1.31 4.82 -18.17
C SER F 35 0.42 5.73 -17.32
N TYR F 36 0.03 5.26 -16.13
CA TYR F 36 -0.74 6.08 -15.18
C TYR F 36 -0.16 5.99 -13.77
N ASP F 37 -0.46 6.99 -12.96
CA ASP F 37 0.08 7.07 -11.61
C ASP F 37 -0.90 6.51 -10.58
N LEU F 38 -2.19 6.71 -10.84
CA LEU F 38 -3.25 6.30 -9.92
C LEU F 38 -4.48 5.82 -10.69
N VAL F 39 -5.37 5.12 -9.99
CA VAL F 39 -6.66 4.75 -10.56
C VAL F 39 -7.76 4.79 -9.49
N PHE F 40 -8.82 5.55 -9.76
CA PHE F 40 -9.90 5.72 -8.80
C PHE F 40 -11.05 4.77 -9.05
N ASP F 41 -11.59 4.21 -7.97
CA ASP F 41 -12.80 3.41 -8.01
C ASP F 41 -13.96 4.35 -7.75
N VAL F 42 -14.58 4.82 -8.83
CA VAL F 42 -15.75 5.68 -8.71
C VAL F 42 -17.03 4.84 -8.79
N GLU F 43 -17.69 4.70 -7.65
CA GLU F 43 -18.94 3.95 -7.52
C GLU F 43 -18.91 2.61 -8.27
N GLY F 44 -17.71 2.02 -8.39
CA GLY F 44 -17.52 0.74 -9.06
C GLY F 44 -16.61 0.85 -10.27
N ILE F 45 -16.69 1.98 -10.97
CA ILE F 45 -15.96 2.17 -12.23
C ILE F 45 -14.51 2.63 -12.00
N LEU F 46 -13.57 1.92 -12.62
CA LEU F 46 -12.14 2.20 -12.44
C LEU F 46 -11.61 3.15 -13.51
N LEU F 47 -11.22 4.35 -13.09
CA LEU F 47 -10.63 5.34 -13.99
C LEU F 47 -9.18 5.61 -13.65
N LYS F 48 -8.30 5.41 -14.63
CA LYS F 48 -6.88 5.76 -14.51
C LYS F 48 -6.73 7.27 -14.34
N VAL F 49 -5.62 7.68 -13.75
CA VAL F 49 -5.30 9.11 -13.61
C VAL F 49 -3.80 9.34 -13.49
N GLN F 50 -3.31 10.29 -14.28
CA GLN F 50 -1.93 10.74 -14.19
C GLN F 50 -1.87 11.96 -13.28
N VAL F 51 -0.88 11.97 -12.40
CA VAL F 51 -0.70 13.09 -11.50
C VAL F 51 0.57 13.85 -11.86
N LYS F 52 0.40 15.13 -12.20
CA LYS F 52 1.53 15.98 -12.51
C LYS F 52 1.48 17.26 -11.69
N SER F 53 2.65 17.72 -11.26
CA SER F 53 2.78 18.98 -10.51
C SER F 53 3.22 20.12 -11.42
N SER F 54 2.97 21.36 -10.98
CA SER F 54 3.34 22.55 -11.76
C SER F 54 4.34 23.43 -11.01
N TRP F 55 5.11 24.19 -11.79
CA TRP F 55 6.01 25.20 -11.22
C TRP F 55 5.61 26.61 -11.65
N LYS F 56 5.92 27.60 -10.80
CA LYS F 56 5.57 29.01 -11.06
C LYS F 56 6.42 29.60 -12.18
N SER F 57 5.78 30.40 -13.04
CA SER F 57 6.48 31.11 -14.13
C SER F 57 7.37 32.22 -13.59
N GLU F 58 8.55 32.35 -14.18
CA GLU F 58 9.52 33.38 -13.79
C GLU F 58 8.99 34.80 -14.05
N LYS F 59 8.67 35.08 -15.32
CA LYS F 59 8.21 36.41 -15.71
C LYS F 59 6.80 36.69 -15.20
N THR F 60 5.80 36.07 -15.86
CA THR F 60 4.40 36.29 -15.52
C THR F 60 3.99 35.57 -14.23
N GLY F 61 2.93 36.05 -13.59
CA GLY F 61 2.40 35.44 -12.37
C GLY F 61 1.52 34.23 -12.63
N ASN F 62 2.06 33.24 -13.36
CA ASN F 62 1.31 32.06 -13.78
C ASN F 62 2.00 30.74 -13.41
N TYR F 63 1.31 29.63 -13.63
CA TYR F 63 1.86 28.30 -13.37
C TYR F 63 1.83 27.45 -14.64
N VAL F 64 2.87 26.65 -14.84
CA VAL F 64 3.00 25.84 -16.05
C VAL F 64 3.29 24.35 -15.76
N VAL F 65 2.69 23.47 -16.56
CA VAL F 65 2.83 22.02 -16.41
C VAL F 65 3.19 21.35 -17.74
N ASP F 66 4.22 20.51 -17.72
CA ASP F 66 4.70 19.80 -18.92
C ASP F 66 4.25 18.34 -18.92
N ASN F 67 4.00 17.80 -20.12
CA ASN F 67 3.62 16.40 -20.28
C ASN F 67 4.41 15.62 -21.35
N ARG F 68 4.89 14.44 -20.97
CA ARG F 68 5.64 13.58 -21.87
C ARG F 68 5.21 12.14 -21.65
N GLY F 84 -7.37 8.77 -26.34
CA GLY F 84 -8.06 7.50 -26.54
C GLY F 84 -7.72 6.49 -25.46
N ASN F 85 -7.06 5.41 -25.89
CA ASN F 85 -6.66 4.31 -24.98
C ASN F 85 -5.87 4.79 -23.77
N ASP F 86 -6.09 4.12 -22.63
CA ASP F 86 -5.43 4.41 -21.33
C ASP F 86 -5.63 5.86 -20.83
N PHE F 87 -5.06 6.16 -19.65
CA PHE F 87 -5.00 7.52 -19.11
C PHE F 87 -6.35 8.06 -18.65
N ASP F 88 -7.26 8.27 -19.60
CA ASP F 88 -8.60 8.86 -19.41
C ASP F 88 -8.77 10.09 -18.51
N PHE F 89 -7.83 10.33 -17.58
CA PHE F 89 -7.80 11.57 -16.80
C PHE F 89 -6.41 11.96 -16.32
N ALA F 90 -6.22 13.25 -16.07
CA ALA F 90 -4.95 13.78 -15.57
C ALA F 90 -5.20 14.96 -14.65
N VAL F 91 -4.58 14.92 -13.47
CA VAL F 91 -4.76 16.00 -12.50
C VAL F 91 -3.48 16.81 -12.27
N ALA F 92 -3.62 18.13 -12.30
CA ALA F 92 -2.48 19.04 -12.19
C ALA F 92 -2.51 19.78 -10.86
N TYR F 93 -1.37 19.79 -10.18
CA TYR F 93 -1.29 20.38 -8.85
C TYR F 93 -0.49 21.68 -8.80
N VAL F 94 -1.00 22.63 -8.03
CA VAL F 94 -0.29 23.85 -7.68
C VAL F 94 -0.22 23.86 -6.15
N GLU F 95 0.99 23.74 -5.60
CA GLU F 95 1.16 23.67 -4.15
C GLU F 95 0.60 24.89 -3.42
N GLU F 96 1.34 26.00 -3.47
CA GLU F 96 0.99 27.27 -2.80
C GLU F 96 -0.50 27.61 -2.82
N LEU F 97 -1.10 27.60 -4.01
CA LEU F 97 -2.53 27.73 -4.15
C LEU F 97 -3.11 26.32 -4.25
N GLU F 98 -3.56 25.78 -3.13
CA GLU F 98 -3.99 24.39 -3.03
C GLU F 98 -5.18 24.08 -3.93
N LEU F 99 -4.92 23.88 -5.23
CA LEU F 99 -5.96 23.45 -6.16
C LEU F 99 -5.47 22.54 -7.29
N PHE F 100 -6.41 21.82 -7.87
CA PHE F 100 -6.15 20.88 -8.94
C PHE F 100 -6.80 21.31 -10.25
N TYR F 101 -6.10 21.06 -11.34
CA TYR F 101 -6.68 21.13 -12.67
C TYR F 101 -6.83 19.70 -13.17
N VAL F 102 -8.08 19.28 -13.37
CA VAL F 102 -8.36 17.94 -13.86
C VAL F 102 -8.75 17.95 -15.35
N PHE F 103 -7.87 17.42 -16.18
CA PHE F 103 -8.08 17.37 -17.63
C PHE F 103 -8.43 15.96 -18.08
N PRO F 104 -9.47 15.82 -18.91
CA PRO F 104 -9.68 14.55 -19.63
C PRO F 104 -8.55 14.33 -20.63
N VAL F 105 -8.18 13.07 -20.82
CA VAL F 105 -7.00 12.72 -21.63
C VAL F 105 -6.92 13.46 -22.97
N ASP F 106 -8.04 13.47 -23.70
CA ASP F 106 -8.14 14.08 -25.03
C ASP F 106 -7.81 15.58 -25.00
N VAL F 107 -8.47 16.33 -24.12
CA VAL F 107 -8.17 17.75 -23.90
C VAL F 107 -6.68 17.92 -23.57
N PHE F 108 -6.17 17.02 -22.73
CA PHE F 108 -4.80 17.10 -22.23
C PHE F 108 -3.73 16.95 -23.32
N ILE F 109 -3.86 15.90 -24.15
CA ILE F 109 -2.92 15.68 -25.26
C ILE F 109 -3.09 16.71 -26.39
N SER F 110 -4.26 17.35 -26.44
CA SER F 110 -4.52 18.42 -27.41
C SER F 110 -3.80 19.72 -27.04
N TYR F 111 -2.57 19.60 -26.56
CA TYR F 111 -1.72 20.74 -26.25
C TYR F 111 -0.33 20.53 -26.86
N GLY F 112 0.37 21.64 -27.11
CA GLY F 112 1.71 21.62 -27.71
C GLY F 112 2.72 20.90 -26.84
N SER F 113 3.17 21.57 -25.79
CA SER F 113 4.10 20.98 -24.82
C SER F 113 3.77 21.44 -23.40
N GLU F 114 3.96 22.74 -23.16
CA GLU F 114 3.84 23.31 -21.83
C GLU F 114 2.52 24.09 -21.66
N ILE F 115 1.52 23.42 -21.07
CA ILE F 115 0.22 24.03 -20.80
C ILE F 115 0.28 25.03 -19.64
N HIS F 116 -0.27 26.22 -19.85
CA HIS F 116 -0.21 27.32 -18.89
C HIS F 116 -1.49 27.48 -18.08
N LEU F 117 -1.33 27.84 -16.81
CA LEU F 117 -2.46 28.06 -15.90
C LEU F 117 -2.41 29.46 -15.32
N VAL F 118 -3.54 30.16 -15.39
CA VAL F 118 -3.66 31.51 -14.84
C VAL F 118 -4.64 31.49 -13.67
N GLU F 119 -4.14 31.84 -12.48
CA GLU F 119 -4.96 31.83 -11.26
C GLU F 119 -5.20 33.23 -10.69
N THR F 120 -4.43 34.20 -11.17
CA THR F 120 -4.60 35.60 -10.77
C THR F 120 -5.90 36.20 -11.30
N ASP F 121 -6.39 37.24 -10.64
CA ASP F 121 -7.61 37.92 -11.06
C ASP F 121 -7.28 39.16 -11.91
N LYS F 122 -6.58 38.93 -13.02
CA LYS F 122 -6.10 40.02 -13.87
C LYS F 122 -7.06 40.40 -15.00
N ARG F 123 -8.37 40.22 -14.74
CA ARG F 123 -9.47 40.70 -15.60
C ARG F 123 -9.52 40.15 -17.04
N GLN F 124 -8.36 40.04 -17.68
CA GLN F 124 -8.23 39.58 -19.06
C GLN F 124 -8.88 38.21 -19.30
N ARG F 125 -9.21 37.92 -20.56
CA ARG F 125 -9.83 36.64 -20.92
C ARG F 125 -8.93 35.47 -20.51
N LYS F 126 -9.35 34.78 -19.45
CA LYS F 126 -8.61 33.65 -18.90
C LYS F 126 -8.66 32.44 -19.84
N PRO F 127 -7.50 31.78 -20.05
CA PRO F 127 -7.31 30.75 -21.10
C PRO F 127 -8.27 29.56 -21.05
N ARG F 128 -8.20 28.72 -22.08
CA ARG F 128 -9.02 27.50 -22.18
C ARG F 128 -8.86 26.62 -20.93
N SER F 129 -7.64 26.57 -20.41
CA SER F 129 -7.29 25.81 -19.20
C SER F 129 -8.22 26.06 -18.02
N PHE F 130 -8.49 27.33 -17.73
CA PHE F 130 -9.29 27.75 -16.58
C PHE F 130 -10.61 26.96 -16.40
N GLY F 131 -11.21 26.50 -17.50
CA GLY F 131 -12.45 25.74 -17.44
C GLY F 131 -12.36 24.41 -16.71
N TYR F 132 -11.13 23.98 -16.43
CA TYR F 132 -10.90 22.69 -15.78
C TYR F 132 -10.46 22.83 -14.31
N ARG F 133 -10.78 23.98 -13.73
CA ARG F 133 -10.58 24.22 -12.31
C ARG F 133 -11.47 23.30 -11.49
N GLU F 134 -10.86 22.47 -10.64
CA GLU F 134 -11.57 21.60 -9.71
C GLU F 134 -12.77 20.84 -10.31
N ALA F 135 -12.70 20.58 -11.60
CA ALA F 135 -13.80 19.94 -12.33
C ALA F 135 -13.86 18.44 -12.05
N TRP F 136 -13.92 18.09 -10.77
CA TRP F 136 -13.95 16.69 -10.33
C TRP F 136 -15.25 16.00 -10.74
N HIS F 137 -16.23 16.80 -11.14
CA HIS F 137 -17.50 16.29 -11.67
C HIS F 137 -17.31 15.57 -13.01
N LEU F 138 -16.29 15.98 -13.77
CA LEU F 138 -15.96 15.32 -15.04
C LEU F 138 -15.57 13.85 -14.84
N ILE F 139 -14.87 13.58 -13.73
CA ILE F 139 -14.54 12.22 -13.32
C ILE F 139 -15.83 11.46 -12.99
N LEU F 140 -16.68 12.11 -12.18
CA LEU F 140 -17.94 11.53 -11.75
C LEU F 140 -18.84 11.27 -12.96
N GLN F 141 -18.83 12.20 -13.91
CA GLN F 141 -19.63 12.08 -15.14
C GLN F 141 -19.22 10.87 -15.97
N LYS F 142 -17.94 10.81 -16.35
CA LYS F 142 -17.41 9.69 -17.12
C LYS F 142 -17.64 8.37 -16.38
N GLY F 143 -17.71 8.45 -15.06
CA GLY F 143 -17.97 7.27 -14.22
C GLY F 143 -19.40 6.79 -14.31
N ALA F 144 -20.33 7.74 -14.20
CA ALA F 144 -21.76 7.44 -14.31
C ALA F 144 -22.13 7.04 -15.74
N ALA F 145 -21.48 7.68 -16.72
CA ALA F 145 -21.68 7.37 -18.13
C ALA F 145 -21.16 5.98 -18.51
N GLN F 146 -20.15 5.51 -17.80
CA GLN F 146 -19.55 4.20 -18.05
C GLN F 146 -20.50 3.06 -17.70
N LYS F 147 -21.46 3.33 -16.82
CA LYS F 147 -22.50 2.35 -16.46
C LYS F 147 -23.56 2.16 -17.54
N GLU F 148 -23.67 3.14 -18.45
CA GLU F 148 -24.62 3.06 -19.57
C GLU F 148 -24.20 2.06 -20.65
N THR F 149 -22.88 1.82 -20.79
CA THR F 149 -22.36 0.83 -21.72
C THR F 149 -22.60 -0.60 -21.22
N SER F 150 -22.89 -0.74 -19.92
CA SER F 150 -23.15 -2.03 -19.27
C SER F 150 -21.94 -2.98 -19.29
#